data_4GJ1
#
_entry.id   4GJ1
#
_cell.length_a   35.340
_cell.length_b   75.733
_cell.length_c   45.923
_cell.angle_alpha   90.00
_cell.angle_beta   105.18
_cell.angle_gamma   90.00
#
_symmetry.space_group_name_H-M   'P 1 21 1'
#
loop_
_entity.id
_entity.type
_entity.pdbx_description
1 polymer '1-(5-phosphoribosyl)-5-[(5-phosphoribosylamino)methylideneamino] imidazole-4-carboxamide isomerase'
2 water water
#
_entity_poly.entity_id   1
_entity_poly.type   'polypeptide(L)'
_entity_poly.pdbx_seq_one_letter_code
;(MSE)TQIIPALDLIDGEVVRLVKGDYEQKKVYKYNPLKKFKEYEKAGAKELHLVDLTGAKDPSKRQFALIEKLAKEVSV
NLQVGGGIRSKEEVKALLDCGVKRVVIGS(MSE)AIKDATLCLEILKEFGSEAIVLALDTILKEDYVVAVNAWQEASDKK
L(MSE)EVLDFYSNKGLKHILCTDISKDGT(MSE)QGVNVRLYKLIHEIFPNICIQASGGVASLKDLENLKGICSGVIVG
KALLDGVFSVEEGIRCLAN
;
_entity_poly.pdbx_strand_id   A
#
# COMPACT_ATOMS: atom_id res chain seq x y z
N THR A 2 -2.29 -8.83 12.58
CA THR A 2 -1.52 -7.87 11.78
C THR A 2 -0.39 -8.57 11.05
N GLN A 3 -0.26 -8.28 9.76
CA GLN A 3 0.78 -8.85 8.94
C GLN A 3 1.66 -7.79 8.32
N ILE A 4 2.94 -8.08 8.19
CA ILE A 4 3.87 -7.21 7.50
C ILE A 4 3.66 -7.35 5.99
N ILE A 5 3.79 -6.24 5.27
CA ILE A 5 3.66 -6.24 3.82
C ILE A 5 4.88 -5.55 3.22
N PRO A 6 5.93 -6.34 2.92
CA PRO A 6 7.13 -5.73 2.32
C PRO A 6 6.80 -5.02 1.02
N ALA A 7 7.44 -3.89 0.75
CA ALA A 7 7.11 -3.07 -0.41
C ALA A 7 8.32 -2.67 -1.21
N LEU A 8 8.16 -2.63 -2.53
CA LEU A 8 9.18 -2.11 -3.42
C LEU A 8 8.57 -1.07 -4.37
N ASP A 9 9.25 0.07 -4.48
CA ASP A 9 8.89 1.12 -5.42
C ASP A 9 9.80 1.02 -6.64
N LEU A 10 9.21 1.05 -7.83
CA LEU A 10 9.96 0.80 -9.05
C LEU A 10 9.90 1.97 -10.03
N ILE A 11 11.06 2.32 -10.57
CA ILE A 11 11.16 3.26 -11.67
C ILE A 11 12.04 2.63 -12.76
N ASP A 12 11.43 2.34 -13.90
CA ASP A 12 12.17 1.83 -15.05
C ASP A 12 12.91 0.55 -14.68
N GLY A 13 12.22 -0.35 -14.01
CA GLY A 13 12.77 -1.64 -13.62
C GLY A 13 13.73 -1.60 -12.44
N GLU A 14 13.96 -0.42 -11.89
CA GLU A 14 14.90 -0.28 -10.78
C GLU A 14 14.19 -0.06 -9.45
N VAL A 15 14.70 -0.74 -8.42
CA VAL A 15 14.22 -0.52 -7.07
C VAL A 15 14.79 0.80 -6.56
N VAL A 16 13.90 1.72 -6.20
CA VAL A 16 14.30 3.02 -5.71
C VAL A 16 13.52 3.31 -4.46
N ARG A 17 13.87 4.40 -3.80
CA ARG A 17 12.94 4.96 -2.85
C ARG A 17 12.93 6.48 -2.87
N LEU A 18 11.73 7.02 -2.83
CA LEU A 18 11.51 8.45 -2.74
C LEU A 18 11.44 8.86 -1.28
N VAL A 19 12.48 9.55 -0.83
CA VAL A 19 12.47 10.17 0.48
C VAL A 19 11.72 11.48 0.32
N LYS A 20 10.91 11.83 1.30
CA LYS A 20 10.09 13.03 1.20
C LYS A 20 10.29 13.94 2.39
N GLY A 21 9.64 15.09 2.32
CA GLY A 21 9.82 16.14 3.30
C GLY A 21 9.85 17.45 2.55
N ASP A 22 10.89 18.23 2.75
CA ASP A 22 11.00 19.50 2.08
C ASP A 22 11.44 19.30 0.63
N TYR A 23 12.26 18.28 0.38
CA TYR A 23 12.73 18.00 -0.96
C TYR A 23 12.57 16.52 -1.28
N GLU A 24 11.88 16.22 -2.37
CA GLU A 24 11.74 14.85 -2.82
C GLU A 24 13.07 14.39 -3.39
N GLN A 25 13.65 13.39 -2.76
CA GLN A 25 14.97 12.90 -3.15
C GLN A 25 14.92 11.41 -3.46
N LYS A 26 15.60 11.05 -4.54
CA LYS A 26 15.53 9.71 -5.08
C LYS A 26 16.81 8.94 -4.78
N LYS A 27 16.66 7.80 -4.13
CA LYS A 27 17.78 6.89 -3.89
C LYS A 27 17.57 5.60 -4.67
N VAL A 28 18.53 5.25 -5.51
CA VAL A 28 18.44 4.07 -6.34
C VAL A 28 19.21 2.92 -5.71
N TYR A 29 18.54 1.78 -5.54
CA TYR A 29 19.17 0.60 -4.98
C TYR A 29 19.66 -0.35 -6.06
N LYS A 30 20.49 -1.30 -5.65
CA LYS A 30 21.13 -2.25 -6.55
C LYS A 30 20.25 -3.45 -6.84
N TYR A 31 19.29 -3.70 -5.96
CA TYR A 31 18.55 -4.96 -5.99
C TYR A 31 17.77 -5.15 -7.28
N ASN A 32 17.71 -6.40 -7.73
CA ASN A 32 16.79 -6.78 -8.79
C ASN A 32 15.42 -7.04 -8.17
N PRO A 33 14.39 -6.32 -8.63
CA PRO A 33 13.04 -6.42 -8.05
C PRO A 33 12.57 -7.87 -7.85
N LEU A 34 12.70 -8.70 -8.89
CA LEU A 34 12.25 -10.08 -8.81
C LEU A 34 13.00 -10.84 -7.71
N LYS A 35 14.32 -10.70 -7.67
CA LYS A 35 15.13 -11.40 -6.67
C LYS A 35 14.79 -10.94 -5.25
N LYS A 36 14.59 -9.64 -5.08
CA LYS A 36 14.27 -9.10 -3.77
C LYS A 36 12.93 -9.63 -3.27
N PHE A 37 11.93 -9.66 -4.15
CA PHE A 37 10.62 -10.19 -3.80
C PHE A 37 10.65 -11.69 -3.43
N LYS A 38 11.40 -12.50 -4.18
CA LYS A 38 11.52 -13.92 -3.85
C LYS A 38 12.19 -14.09 -2.49
N GLU A 39 13.14 -13.23 -2.19
CA GLU A 39 13.83 -13.25 -0.91
C GLU A 39 12.85 -12.95 0.23
N TYR A 40 12.03 -11.92 0.05
CA TYR A 40 11.01 -11.61 1.06
C TYR A 40 10.06 -12.79 1.26
N GLU A 41 9.69 -13.41 0.15
CA GLU A 41 8.79 -14.56 0.17
C GLU A 41 9.42 -15.73 0.91
N LYS A 42 10.69 -15.98 0.61
CA LYS A 42 11.42 -17.07 1.25
C LYS A 42 11.58 -16.80 2.75
N ALA A 43 11.59 -15.52 3.13
CA ALA A 43 11.69 -15.11 4.52
C ALA A 43 10.37 -15.27 5.26
N GLY A 44 9.28 -15.46 4.51
CA GLY A 44 7.98 -15.72 5.10
C GLY A 44 6.88 -14.73 4.77
N ALA A 45 7.18 -13.71 3.95
CA ALA A 45 6.16 -12.74 3.58
C ALA A 45 5.02 -13.43 2.82
N LYS A 46 3.78 -13.11 3.19
CA LYS A 46 2.61 -13.67 2.52
C LYS A 46 1.89 -12.60 1.69
N GLU A 47 2.28 -11.35 1.86
CA GLU A 47 1.70 -10.26 1.10
C GLU A 47 2.82 -9.34 0.62
N LEU A 48 2.77 -8.92 -0.64
CA LEU A 48 3.77 -8.00 -1.18
C LEU A 48 3.12 -6.80 -1.86
N HIS A 49 3.71 -5.63 -1.66
CA HIS A 49 3.20 -4.39 -2.23
C HIS A 49 4.19 -3.82 -3.25
N LEU A 50 3.67 -3.43 -4.41
CA LEU A 50 4.49 -2.93 -5.50
C LEU A 50 3.93 -1.59 -5.98
N VAL A 51 4.77 -0.57 -6.00
CA VAL A 51 4.37 0.74 -6.52
C VAL A 51 5.09 1.02 -7.83
N ASP A 52 4.30 1.18 -8.89
CA ASP A 52 4.85 1.53 -10.20
C ASP A 52 4.87 3.05 -10.34
N LEU A 53 6.01 3.66 -10.01
CA LEU A 53 6.16 5.11 -10.01
C LEU A 53 6.27 5.65 -11.44
N THR A 54 6.74 4.81 -12.36
CA THR A 54 6.83 5.20 -13.76
C THR A 54 5.43 5.36 -14.34
N GLY A 55 4.56 4.41 -14.01
CA GLY A 55 3.18 4.45 -14.46
C GLY A 55 2.42 5.54 -13.73
N ALA A 56 2.79 5.81 -12.50
CA ALA A 56 2.13 6.81 -11.68
C ALA A 56 2.39 8.21 -12.24
N LYS A 57 3.48 8.35 -12.96
CA LYS A 57 3.89 9.62 -13.51
C LYS A 57 3.24 9.81 -14.87
N ASP A 58 3.14 8.72 -15.62
CA ASP A 58 2.48 8.73 -16.92
C ASP A 58 1.94 7.34 -17.27
N PRO A 59 0.60 7.19 -17.24
CA PRO A 59 -0.08 5.91 -17.44
C PRO A 59 0.24 5.18 -18.76
N SER A 60 0.79 5.89 -19.73
CA SER A 60 1.05 5.23 -20.99
C SER A 60 2.26 4.33 -20.87
N LYS A 61 3.07 4.59 -19.88
CA LYS A 61 4.34 3.88 -19.73
C LYS A 61 4.33 2.98 -18.50
N ARG A 62 3.15 2.48 -18.15
CA ARG A 62 3.01 1.58 -17.02
C ARG A 62 3.82 0.30 -17.27
N GLN A 63 4.48 -0.20 -16.23
CA GLN A 63 5.39 -1.33 -16.37
C GLN A 63 4.67 -2.68 -16.35
N PHE A 64 3.81 -2.92 -17.34
CA PHE A 64 3.00 -4.12 -17.38
C PHE A 64 3.83 -5.39 -17.47
N ALA A 65 4.84 -5.38 -18.32
CA ALA A 65 5.65 -6.57 -18.58
C ALA A 65 6.33 -7.07 -17.30
N LEU A 66 6.94 -6.16 -16.54
CA LEU A 66 7.61 -6.52 -15.31
C LEU A 66 6.60 -6.97 -14.25
N ILE A 67 5.48 -6.25 -14.16
CA ILE A 67 4.45 -6.58 -13.18
C ILE A 67 3.91 -7.99 -13.44
N GLU A 68 3.61 -8.26 -14.71
CA GLU A 68 3.14 -9.56 -15.14
C GLU A 68 4.10 -10.66 -14.71
N LYS A 69 5.38 -10.49 -15.00
CA LYS A 69 6.38 -11.50 -14.64
C LYS A 69 6.44 -11.69 -13.12
N LEU A 70 6.46 -10.58 -12.39
CA LEU A 70 6.51 -10.64 -10.94
C LEU A 70 5.33 -11.42 -10.40
N ALA A 71 4.15 -11.15 -10.96
CA ALA A 71 2.92 -11.75 -10.49
C ALA A 71 2.93 -13.28 -10.60
N LYS A 72 3.55 -13.81 -11.66
CA LYS A 72 3.47 -15.24 -11.95
C LYS A 72 4.64 -16.06 -11.43
N GLU A 73 5.69 -15.40 -10.94
CA GLU A 73 6.78 -16.11 -10.28
C GLU A 73 6.60 -16.06 -8.78
N VAL A 74 6.07 -14.95 -8.28
CA VAL A 74 5.71 -14.83 -6.87
C VAL A 74 4.57 -15.80 -6.60
N SER A 75 4.68 -16.57 -5.51
CA SER A 75 3.67 -17.56 -5.16
C SER A 75 2.72 -17.07 -4.05
N VAL A 76 2.98 -15.88 -3.53
CA VAL A 76 2.10 -15.26 -2.54
C VAL A 76 1.32 -14.10 -3.17
N ASN A 77 0.50 -13.42 -2.37
CA ASN A 77 -0.32 -12.32 -2.87
C ASN A 77 0.51 -11.09 -3.24
N LEU A 78 0.28 -10.60 -4.46
CA LEU A 78 0.90 -9.37 -4.92
C LEU A 78 -0.15 -8.26 -5.03
N GLN A 79 0.16 -7.11 -4.45
CA GLN A 79 -0.71 -5.94 -4.46
C GLN A 79 0.01 -4.81 -5.21
N VAL A 80 -0.70 -4.13 -6.10
CA VAL A 80 -0.07 -3.12 -6.95
C VAL A 80 -0.77 -1.76 -6.89
N GLY A 81 0.05 -0.72 -6.83
CA GLY A 81 -0.43 0.65 -6.84
C GLY A 81 0.41 1.50 -7.77
N GLY A 82 -0.04 2.73 -8.00
CA GLY A 82 0.69 3.66 -8.85
C GLY A 82 -0.21 4.48 -9.74
N GLY A 83 -0.85 5.50 -9.17
CA GLY A 83 -1.70 6.40 -9.93
C GLY A 83 -2.69 5.68 -10.81
N ILE A 84 -3.33 4.65 -10.27
CA ILE A 84 -4.29 3.85 -11.04
C ILE A 84 -5.66 4.50 -10.96
N ARG A 85 -6.21 4.85 -12.14
CA ARG A 85 -7.44 5.65 -12.19
C ARG A 85 -8.37 5.25 -13.34
N SER A 86 -8.43 3.96 -13.67
CA SER A 86 -9.37 3.50 -14.69
C SER A 86 -9.70 2.01 -14.52
N LYS A 87 -10.90 1.63 -14.93
CA LYS A 87 -11.35 0.24 -14.86
C LYS A 87 -10.52 -0.65 -15.77
N GLU A 88 -10.11 -0.11 -16.92
CA GLU A 88 -9.29 -0.86 -17.86
C GLU A 88 -7.95 -1.20 -17.21
N GLU A 89 -7.34 -0.21 -16.59
CA GLU A 89 -6.10 -0.40 -15.82
C GLU A 89 -6.25 -1.51 -14.80
N VAL A 90 -7.27 -1.40 -13.96
CA VAL A 90 -7.50 -2.38 -12.92
C VAL A 90 -7.71 -3.77 -13.51
N LYS A 91 -8.44 -3.86 -14.61
CA LYS A 91 -8.74 -5.15 -15.19
C LYS A 91 -7.51 -5.76 -15.84
N ALA A 92 -6.69 -4.92 -16.47
CA ALA A 92 -5.44 -5.38 -17.06
C ALA A 92 -4.53 -5.97 -15.99
N LEU A 93 -4.51 -5.33 -14.83
CA LEU A 93 -3.62 -5.76 -13.74
C LEU A 93 -4.07 -7.08 -13.12
N LEU A 94 -5.36 -7.22 -12.88
CA LEU A 94 -5.89 -8.45 -12.28
C LEU A 94 -5.76 -9.62 -13.26
N ASP A 95 -5.64 -9.32 -14.54
CA ASP A 95 -5.48 -10.36 -15.56
C ASP A 95 -4.05 -10.90 -15.59
N CYS A 96 -3.10 -10.07 -15.14
CA CYS A 96 -1.72 -10.50 -15.04
C CYS A 96 -1.53 -11.42 -13.84
N GLY A 97 -2.55 -11.48 -12.97
CA GLY A 97 -2.49 -12.30 -11.78
C GLY A 97 -2.25 -11.51 -10.51
N VAL A 98 -2.39 -10.19 -10.60
CA VAL A 98 -2.27 -9.33 -9.42
C VAL A 98 -3.45 -9.60 -8.50
N LYS A 99 -3.17 -9.76 -7.21
CA LYS A 99 -4.22 -10.13 -6.26
C LYS A 99 -5.13 -8.95 -5.93
N ARG A 100 -4.51 -7.81 -5.61
CA ARG A 100 -5.26 -6.62 -5.25
C ARG A 100 -4.66 -5.38 -5.91
N VAL A 101 -5.54 -4.51 -6.38
CA VAL A 101 -5.10 -3.26 -7.00
C VAL A 101 -5.46 -2.08 -6.11
N VAL A 102 -4.50 -1.17 -5.95
CA VAL A 102 -4.69 0.03 -5.15
C VAL A 102 -5.11 1.21 -6.02
N ILE A 103 -6.32 1.71 -5.79
CA ILE A 103 -6.80 2.94 -6.44
C ILE A 103 -6.89 4.02 -5.37
N GLY A 104 -7.08 5.28 -5.75
CA GLY A 104 -7.27 6.31 -4.75
C GLY A 104 -7.14 7.77 -5.15
N SER A 105 -6.46 8.06 -6.25
CA SER A 105 -6.26 9.45 -6.66
C SER A 105 -7.58 10.12 -7.05
N ALA A 107 -10.60 9.15 -5.47
CA ALA A 107 -11.55 8.82 -4.43
C ALA A 107 -12.59 9.92 -4.21
N ILE A 108 -12.21 11.16 -4.48
CA ILE A 108 -13.11 12.29 -4.26
C ILE A 108 -13.42 13.10 -5.53
N LYS A 109 -12.49 13.13 -6.47
CA LYS A 109 -12.71 13.85 -7.71
C LYS A 109 -13.71 13.10 -8.59
N ASP A 110 -14.02 11.87 -8.20
CA ASP A 110 -14.92 11.03 -8.98
C ASP A 110 -15.32 9.78 -8.19
N ALA A 111 -16.20 9.96 -7.21
CA ALA A 111 -16.62 8.86 -6.35
C ALA A 111 -17.40 7.78 -7.11
N THR A 112 -18.02 8.14 -8.23
CA THR A 112 -18.86 7.18 -8.94
C THR A 112 -18.04 6.11 -9.61
N LEU A 113 -16.92 6.49 -10.22
CA LEU A 113 -16.04 5.50 -10.85
C LEU A 113 -15.47 4.54 -9.81
N CYS A 114 -15.10 5.06 -8.65
CA CYS A 114 -14.57 4.22 -7.59
C CYS A 114 -15.60 3.18 -7.17
N LEU A 115 -16.84 3.62 -6.98
CA LEU A 115 -17.92 2.69 -6.66
C LEU A 115 -18.05 1.62 -7.75
N GLU A 116 -18.00 2.05 -9.02
CA GLU A 116 -18.14 1.13 -10.14
C GLU A 116 -17.04 0.08 -10.12
N ILE A 117 -15.82 0.52 -9.89
CA ILE A 117 -14.68 -0.39 -9.80
C ILE A 117 -14.96 -1.39 -8.69
N LEU A 118 -15.33 -0.88 -7.53
CA LEU A 118 -15.70 -1.71 -6.39
C LEU A 118 -16.71 -2.80 -6.72
N LYS A 119 -17.83 -2.44 -7.35
CA LYS A 119 -18.87 -3.43 -7.64
C LYS A 119 -18.38 -4.46 -8.66
N GLU A 120 -17.73 -4.00 -9.72
CA GLU A 120 -17.31 -4.90 -10.79
C GLU A 120 -16.30 -5.95 -10.33
N PHE A 121 -15.29 -5.52 -9.57
CA PHE A 121 -14.17 -6.41 -9.27
C PHE A 121 -14.23 -7.00 -7.86
N GLY A 122 -15.03 -6.40 -6.99
CA GLY A 122 -15.25 -6.95 -5.66
C GLY A 122 -14.38 -6.29 -4.60
N SER A 123 -14.81 -6.42 -3.35
CA SER A 123 -14.15 -5.73 -2.25
C SER A 123 -12.82 -6.36 -1.82
N GLU A 124 -12.58 -7.61 -2.21
CA GLU A 124 -11.35 -8.29 -1.85
C GLU A 124 -10.22 -7.95 -2.80
N ALA A 125 -10.58 -7.52 -4.01
CA ALA A 125 -9.59 -7.21 -5.04
C ALA A 125 -9.22 -5.74 -5.08
N ILE A 126 -9.96 -4.91 -4.35
CA ILE A 126 -9.80 -3.46 -4.45
C ILE A 126 -9.41 -2.80 -3.12
N VAL A 127 -8.32 -2.03 -3.16
CA VAL A 127 -7.86 -1.28 -2.00
C VAL A 127 -7.95 0.22 -2.27
N LEU A 128 -8.49 0.97 -1.33
CA LEU A 128 -8.58 2.42 -1.47
C LEU A 128 -7.43 3.13 -0.75
N ALA A 129 -6.64 3.87 -1.51
CA ALA A 129 -5.55 4.65 -0.94
C ALA A 129 -6.03 6.04 -0.57
N LEU A 130 -5.89 6.38 0.70
CA LEU A 130 -6.23 7.71 1.18
C LEU A 130 -5.03 8.31 1.90
N ASP A 131 -4.56 9.45 1.42
CA ASP A 131 -3.54 10.20 2.13
C ASP A 131 -4.25 11.24 2.97
N THR A 132 -3.88 11.30 4.25
CA THR A 132 -4.62 12.11 5.22
C THR A 132 -3.71 12.95 6.08
N ILE A 133 -4.17 14.18 6.38
CA ILE A 133 -3.41 15.07 7.23
C ILE A 133 -4.21 15.56 8.42
N LEU A 134 -3.49 15.91 9.48
CA LEU A 134 -4.10 16.52 10.64
C LEU A 134 -4.08 18.04 10.56
N LYS A 135 -5.26 18.63 10.34
CA LYS A 135 -5.43 20.07 10.49
C LYS A 135 -6.08 20.29 11.86
N GLU A 136 -7.35 20.67 11.86
CA GLU A 136 -8.14 20.62 13.09
C GLU A 136 -8.71 19.22 13.20
N ASP A 137 -8.92 18.60 12.05
CA ASP A 137 -9.35 17.22 11.95
C ASP A 137 -8.52 16.54 10.88
N TYR A 138 -8.57 15.21 10.83
CA TYR A 138 -7.94 14.50 9.74
C TYR A 138 -8.75 14.71 8.46
N VAL A 139 -8.10 15.25 7.43
CA VAL A 139 -8.75 15.50 6.14
C VAL A 139 -8.00 14.77 5.04
N VAL A 140 -8.66 14.58 3.89
CA VAL A 140 -8.03 13.94 2.75
C VAL A 140 -7.17 14.95 2.00
N ALA A 141 -5.97 14.51 1.60
CA ALA A 141 -5.01 15.40 0.94
C ALA A 141 -4.99 15.16 -0.57
N ASP A 150 -9.84 18.74 1.61
CA ASP A 150 -10.83 19.54 2.31
C ASP A 150 -11.86 18.68 3.05
N LYS A 151 -12.07 17.45 2.56
CA LYS A 151 -13.09 16.57 3.11
C LYS A 151 -12.57 15.75 4.29
N LYS A 152 -13.43 15.52 5.27
CA LYS A 152 -13.07 14.74 6.46
C LYS A 152 -12.79 13.28 6.12
N LEU A 153 -11.68 12.77 6.63
CA LEU A 153 -11.26 11.40 6.37
C LEU A 153 -12.33 10.40 6.82
N GLU A 155 -15.44 10.78 7.24
CA GLU A 155 -16.69 10.88 6.47
C GLU A 155 -16.53 10.26 5.09
N VAL A 156 -15.37 10.48 4.47
CA VAL A 156 -15.04 9.80 3.22
C VAL A 156 -15.05 8.29 3.47
N LEU A 157 -14.49 7.87 4.61
CA LEU A 157 -14.49 6.47 5.00
C LEU A 157 -15.91 5.97 5.25
N ASP A 158 -16.70 6.78 5.91
CA ASP A 158 -18.07 6.42 6.22
C ASP A 158 -18.80 6.10 4.90
N PHE A 159 -18.60 6.96 3.91
CA PHE A 159 -19.26 6.81 2.61
C PHE A 159 -18.92 5.49 1.93
N TYR A 160 -17.63 5.17 1.84
CA TYR A 160 -17.20 3.95 1.15
C TYR A 160 -17.46 2.70 1.99
N SER A 161 -17.39 2.85 3.31
CA SER A 161 -17.59 1.73 4.21
C SER A 161 -18.98 1.12 4.03
N ASN A 162 -19.98 1.97 3.82
CA ASN A 162 -21.34 1.49 3.67
C ASN A 162 -21.60 0.90 2.29
N LYS A 163 -20.63 1.00 1.39
CA LYS A 163 -20.75 0.40 0.07
C LYS A 163 -19.81 -0.79 -0.10
N GLY A 164 -19.50 -1.46 1.01
CA GLY A 164 -18.76 -2.71 0.96
C GLY A 164 -17.26 -2.57 0.83
N LEU A 165 -16.72 -1.36 1.00
CA LEU A 165 -15.27 -1.21 1.00
C LEU A 165 -14.71 -1.99 2.17
N LYS A 166 -13.61 -2.68 1.93
CA LYS A 166 -12.99 -3.50 2.97
C LYS A 166 -11.55 -3.09 3.24
N HIS A 167 -10.79 -2.84 2.18
CA HIS A 167 -9.37 -2.52 2.31
C HIS A 167 -9.09 -1.05 2.06
N ILE A 168 -8.35 -0.43 3.00
CA ILE A 168 -7.82 0.90 2.79
C ILE A 168 -6.32 0.92 3.08
N LEU A 169 -5.61 1.78 2.34
CA LEU A 169 -4.20 2.02 2.57
C LEU A 169 -4.12 3.49 2.98
N CYS A 170 -3.93 3.71 4.27
CA CYS A 170 -3.99 5.06 4.81
C CYS A 170 -2.61 5.56 5.23
N THR A 171 -2.18 6.67 4.62
CA THR A 171 -0.87 7.23 4.87
C THR A 171 -0.97 8.62 5.50
N ASP A 172 -0.31 8.85 6.61
CA ASP A 172 -0.20 10.21 7.09
C ASP A 172 0.97 10.88 6.40
N ILE A 173 0.70 11.84 5.53
CA ILE A 173 1.78 12.49 4.81
C ILE A 173 2.27 13.66 5.58
N SER A 174 2.86 13.30 6.69
CA SER A 174 3.68 14.13 7.50
C SER A 174 4.83 13.20 7.91
N LYS A 175 4.51 11.94 8.13
CA LYS A 175 5.51 10.91 8.34
C LYS A 175 5.89 10.27 7.03
N GLY A 181 8.04 8.31 14.40
CA GLY A 181 7.58 7.05 13.84
C GLY A 181 6.21 7.16 13.21
N VAL A 182 5.43 6.08 13.28
CA VAL A 182 4.09 6.06 12.68
C VAL A 182 3.06 6.85 13.50
N ASN A 183 1.97 7.22 12.84
CA ASN A 183 0.89 7.91 13.54
C ASN A 183 -0.07 6.89 14.13
N VAL A 184 0.30 6.36 15.29
CA VAL A 184 -0.46 5.30 15.95
C VAL A 184 -1.87 5.76 16.26
N ARG A 185 -1.99 7.00 16.73
CA ARG A 185 -3.29 7.55 17.14
C ARG A 185 -4.29 7.54 15.99
N LEU A 186 -3.82 7.89 14.80
CA LEU A 186 -4.68 7.93 13.62
C LEU A 186 -5.35 6.57 13.38
N TYR A 187 -4.54 5.51 13.44
CA TYR A 187 -5.03 4.18 13.11
C TYR A 187 -5.90 3.57 14.20
N LYS A 188 -5.58 3.86 15.46
CA LYS A 188 -6.33 3.31 16.58
C LYS A 188 -7.79 3.74 16.53
N LEU A 189 -8.00 4.89 15.93
CA LEU A 189 -9.29 5.53 15.97
C LEU A 189 -10.08 5.32 14.69
N ILE A 190 -9.39 5.15 13.56
CA ILE A 190 -10.04 4.64 12.37
C ILE A 190 -10.62 3.30 12.78
N HIS A 191 -9.79 2.52 13.46
CA HIS A 191 -10.16 1.18 13.91
C HIS A 191 -11.29 1.20 14.94
N GLU A 192 -11.26 2.18 15.83
CA GLU A 192 -12.28 2.29 16.87
C GLU A 192 -13.66 2.45 16.22
N ILE A 193 -13.70 3.25 15.18
CA ILE A 193 -14.96 3.63 14.51
C ILE A 193 -15.39 2.68 13.41
N PHE A 194 -14.43 2.20 12.63
CA PHE A 194 -14.72 1.28 11.53
C PHE A 194 -14.04 -0.05 11.82
N PRO A 195 -14.58 -0.80 12.78
CA PRO A 195 -13.94 -2.04 13.23
C PRO A 195 -13.80 -3.10 12.14
N ASN A 196 -14.63 -3.01 11.11
CA ASN A 196 -14.65 -4.03 10.06
C ASN A 196 -13.74 -3.68 8.87
N ILE A 197 -13.20 -2.48 8.86
CA ILE A 197 -12.27 -2.07 7.81
C ILE A 197 -10.88 -2.64 8.07
N CYS A 198 -10.27 -3.18 7.03
CA CYS A 198 -8.91 -3.72 7.13
C CYS A 198 -7.91 -2.65 6.75
N ILE A 199 -7.29 -2.05 7.76
CA ILE A 199 -6.37 -0.93 7.56
C ILE A 199 -4.97 -1.42 7.22
N GLN A 200 -4.40 -0.85 6.17
CA GLN A 200 -2.98 -0.99 5.91
C GLN A 200 -2.32 0.32 6.29
N ALA A 201 -1.38 0.25 7.22
CA ALA A 201 -0.67 1.44 7.65
C ALA A 201 0.55 1.63 6.77
N SER A 202 0.91 2.89 6.53
CA SER A 202 2.07 3.20 5.72
C SER A 202 2.63 4.55 6.12
N GLY A 203 3.95 4.67 6.08
CA GLY A 203 4.62 5.93 6.38
C GLY A 203 5.14 5.99 7.80
N GLY A 204 6.44 6.21 7.94
CA GLY A 204 7.05 6.44 9.23
C GLY A 204 7.55 5.20 9.93
N VAL A 205 7.45 4.04 9.29
CA VAL A 205 7.97 2.81 9.89
C VAL A 205 9.49 2.85 9.94
N ALA A 206 10.04 3.01 11.14
CA ALA A 206 11.47 3.17 11.32
C ALA A 206 12.10 2.04 12.13
N SER A 207 11.28 1.27 12.82
CA SER A 207 11.81 0.19 13.68
C SER A 207 10.74 -0.83 14.03
N LEU A 208 11.14 -1.88 14.73
CA LEU A 208 10.23 -2.94 15.16
C LEU A 208 9.13 -2.38 16.05
N LYS A 209 9.44 -1.32 16.78
CA LYS A 209 8.52 -0.76 17.74
C LYS A 209 7.30 -0.15 17.05
N ASP A 210 7.52 0.41 15.86
CA ASP A 210 6.40 0.91 15.06
C ASP A 210 5.45 -0.23 14.72
N LEU A 211 6.01 -1.38 14.37
CA LEU A 211 5.20 -2.57 14.09
C LEU A 211 4.43 -3.04 15.31
N GLU A 212 5.09 -3.07 16.46
CA GLU A 212 4.48 -3.53 17.70
C GLU A 212 3.31 -2.64 18.11
N ASN A 213 3.48 -1.33 17.96
CA ASN A 213 2.46 -0.36 18.34
C ASN A 213 1.21 -0.44 17.46
N LEU A 214 1.32 -1.04 16.29
CA LEU A 214 0.19 -1.17 15.37
C LEU A 214 -0.46 -2.53 15.46
N LYS A 215 0.12 -3.39 16.29
CA LYS A 215 -0.36 -4.75 16.42
C LYS A 215 -1.77 -4.76 16.99
N GLY A 216 -2.67 -5.48 16.35
CA GLY A 216 -4.07 -5.53 16.78
C GLY A 216 -4.92 -4.41 16.20
N ILE A 217 -4.27 -3.34 15.74
CA ILE A 217 -4.99 -2.19 15.19
C ILE A 217 -5.14 -2.30 13.68
N CYS A 218 -4.01 -2.49 13.00
CA CYS A 218 -3.98 -2.58 11.55
C CYS A 218 -3.95 -4.03 11.11
N SER A 219 -4.57 -4.32 9.97
CA SER A 219 -4.50 -5.66 9.40
C SER A 219 -3.17 -5.85 8.66
N GLY A 220 -2.59 -4.75 8.21
CA GLY A 220 -1.33 -4.81 7.49
C GLY A 220 -0.47 -3.58 7.72
N VAL A 221 0.83 -3.76 7.63
CA VAL A 221 1.77 -2.65 7.76
C VAL A 221 2.72 -2.65 6.56
N ILE A 222 2.66 -1.59 5.76
CA ILE A 222 3.55 -1.46 4.62
C ILE A 222 4.94 -1.06 5.12
N VAL A 223 5.94 -1.87 4.78
CA VAL A 223 7.32 -1.57 5.17
C VAL A 223 8.23 -1.61 3.95
N GLY A 224 8.85 -0.49 3.66
CA GLY A 224 9.75 -0.39 2.51
C GLY A 224 11.19 -0.14 2.90
N LYS A 225 11.48 1.10 3.24
CA LYS A 225 12.82 1.56 3.57
C LYS A 225 13.50 0.71 4.65
N ALA A 226 12.76 0.44 5.72
CA ALA A 226 13.32 -0.26 6.88
C ALA A 226 13.91 -1.61 6.49
N LEU A 227 13.24 -2.31 5.57
CA LEU A 227 13.73 -3.60 5.11
C LEU A 227 14.89 -3.42 4.15
N LEU A 228 14.79 -2.42 3.30
CA LEU A 228 15.84 -2.14 2.32
C LEU A 228 17.15 -1.71 2.96
N ASP A 229 17.07 -0.87 4.00
CA ASP A 229 18.25 -0.35 4.66
C ASP A 229 18.78 -1.31 5.74
N GLY A 230 18.08 -2.42 5.93
CA GLY A 230 18.51 -3.45 6.87
C GLY A 230 18.28 -3.11 8.33
N VAL A 231 17.37 -2.19 8.61
CA VAL A 231 17.08 -1.82 9.99
C VAL A 231 16.57 -3.03 10.77
N PHE A 232 15.66 -3.78 10.16
CA PHE A 232 15.26 -5.09 10.66
C PHE A 232 14.94 -5.99 9.47
N SER A 233 14.77 -7.27 9.72
CA SER A 233 14.52 -8.23 8.65
C SER A 233 13.04 -8.61 8.59
N VAL A 234 12.65 -9.22 7.47
CA VAL A 234 11.29 -9.71 7.32
C VAL A 234 10.98 -10.73 8.42
N GLU A 235 11.97 -11.55 8.76
CA GLU A 235 11.81 -12.55 9.80
C GLU A 235 11.51 -11.91 11.16
N GLU A 236 12.22 -10.82 11.47
CA GLU A 236 12.00 -10.13 12.73
C GLU A 236 10.63 -9.45 12.77
N GLY A 237 10.21 -8.91 11.63
CA GLY A 237 8.92 -8.25 11.53
C GLY A 237 7.79 -9.23 11.75
N ILE A 238 7.89 -10.37 11.09
CA ILE A 238 6.88 -11.42 11.22
C ILE A 238 6.82 -11.95 12.64
N ARG A 239 7.99 -12.08 13.27
CA ARG A 239 8.06 -12.65 14.61
C ARG A 239 7.38 -11.73 15.63
N CYS A 240 7.63 -10.43 15.52
CA CYS A 240 7.11 -9.49 16.51
C CYS A 240 5.62 -9.17 16.28
N LEU A 241 5.12 -9.50 15.09
CA LEU A 241 3.69 -9.35 14.81
C LEU A 241 2.92 -10.65 15.11
N ALA A 242 3.66 -11.72 15.35
CA ALA A 242 3.04 -13.02 15.59
C ALA A 242 2.23 -13.04 16.87
N ASN A 243 1.10 -13.74 16.84
CA ASN A 243 0.21 -13.84 18.01
C ASN A 243 0.32 -15.21 18.66
#